data_1S12
#
_entry.id   1S12
#
_cell.length_a   50.890
_cell.length_b   63.280
_cell.length_c   65.500
_cell.angle_alpha   90.00
_cell.angle_beta   108.01
_cell.angle_gamma   90.00
#
_symmetry.space_group_name_H-M   'P 1 21 1'
#
loop_
_entity.id
_entity.type
_entity.pdbx_description
1 polymer 'hypothetical protein TM1457'
2 non-polymer 'ACETATE ION'
3 water water
#
_entity_poly.entity_id   1
_entity_poly.type   'polypeptide(L)'
_entity_poly.pdbx_seq_one_letter_code
;MIKVTVTNSFFEVTGHAPDKTLCASVSLLTQHVANFLKAEKKAKIKKESGYLKVKFEELENCEVKVLAAMVRSLKELEQK
FPSQIRVEVIDNGS
;
_entity_poly.pdbx_strand_id   A,B,C,D
#
loop_
_chem_comp.id
_chem_comp.type
_chem_comp.name
_chem_comp.formula
ACT non-polymer 'ACETATE ION' 'C2 H3 O2 -1'
#
# COMPACT_ATOMS: atom_id res chain seq x y z
N MET A 1 18.73 3.61 22.18
CA MET A 1 18.37 3.66 20.73
C MET A 1 18.53 2.27 20.14
N ILE A 2 17.53 1.80 19.40
CA ILE A 2 17.64 0.47 18.75
C ILE A 2 18.52 0.66 17.52
N LYS A 3 19.46 -0.25 17.33
CA LYS A 3 20.37 -0.22 16.19
C LYS A 3 20.24 -1.47 15.33
N VAL A 4 19.77 -1.31 14.10
CA VAL A 4 19.63 -2.45 13.21
C VAL A 4 20.71 -2.38 12.14
N THR A 5 21.42 -3.49 11.98
CA THR A 5 22.49 -3.55 10.99
C THR A 5 22.13 -4.65 9.99
N VAL A 6 22.24 -4.30 8.71
CA VAL A 6 21.93 -5.25 7.64
C VAL A 6 23.11 -5.32 6.66
N THR A 7 23.62 -6.53 6.44
CA THR A 7 24.72 -6.77 5.52
C THR A 7 24.28 -7.95 4.66
N ASN A 8 25.17 -8.41 3.78
CA ASN A 8 24.83 -9.54 2.92
C ASN A 8 24.99 -10.87 3.65
N SER A 9 25.55 -10.83 4.85
CA SER A 9 25.79 -12.05 5.59
C SER A 9 24.85 -12.22 6.79
N PHE A 10 24.38 -11.11 7.33
CA PHE A 10 23.51 -11.17 8.49
C PHE A 10 22.81 -9.86 8.78
N PHE A 11 21.89 -9.90 9.74
CA PHE A 11 21.29 -8.68 10.24
C PHE A 11 21.44 -8.84 11.75
N GLU A 12 21.56 -7.70 12.42
CA GLU A 12 21.80 -7.62 13.85
C GLU A 12 20.90 -6.56 14.48
N VAL A 13 20.48 -6.81 15.71
CA VAL A 13 19.63 -5.87 16.43
C VAL A 13 20.21 -5.67 17.83
N THR A 14 20.43 -4.42 18.22
CA THR A 14 20.97 -4.14 19.54
C THR A 14 20.36 -2.90 20.17
N GLY A 15 20.51 -2.81 21.49
CA GLY A 15 20.02 -1.68 22.24
C GLY A 15 18.53 -1.71 22.43
N HIS A 16 18.01 -0.73 23.15
CA HIS A 16 16.59 -0.63 23.40
C HIS A 16 16.14 0.79 23.17
N ALA A 17 14.83 0.95 23.04
CA ALA A 17 14.24 2.26 22.82
C ALA A 17 13.41 2.61 24.05
N PRO A 18 13.27 3.92 24.35
CA PRO A 18 12.49 4.37 25.51
C PRO A 18 11.03 3.89 25.36
N ASP A 19 10.49 4.04 24.14
CA ASP A 19 9.13 3.63 23.83
C ASP A 19 9.00 2.10 23.82
N LYS A 20 8.16 1.58 24.71
CA LYS A 20 7.94 0.16 24.83
C LYS A 20 7.22 -0.45 23.61
N THR A 21 6.35 0.32 22.98
CA THR A 21 5.66 -0.21 21.82
C THR A 21 6.69 -0.37 20.70
N LEU A 22 7.59 0.60 20.53
CA LEU A 22 8.60 0.48 19.49
C LEU A 22 9.48 -0.75 19.72
N CYS A 23 9.93 -0.95 20.96
CA CYS A 23 10.75 -2.11 21.29
C CYS A 23 10.06 -3.42 20.93
N ALA A 24 8.79 -3.55 21.29
CA ALA A 24 8.04 -4.77 21.06
C ALA A 24 7.78 -5.03 19.58
N SER A 25 7.47 -3.95 18.85
CA SER A 25 7.21 -4.09 17.42
C SER A 25 8.48 -4.56 16.73
N VAL A 26 9.60 -3.90 17.02
CA VAL A 26 10.88 -4.29 16.44
C VAL A 26 11.25 -5.73 16.86
N SER A 27 11.21 -6.04 18.15
CA SER A 27 11.56 -7.40 18.57
C SER A 27 10.74 -8.50 17.86
N LEU A 28 9.42 -8.28 17.76
CA LEU A 28 8.53 -9.24 17.12
C LEU A 28 8.78 -9.38 15.63
N LEU A 29 8.92 -8.25 14.94
CA LEU A 29 9.16 -8.29 13.50
C LEU A 29 10.50 -8.96 13.18
N THR A 30 11.55 -8.60 13.92
CA THR A 30 12.84 -9.19 13.65
C THR A 30 12.97 -10.65 14.03
N GLN A 31 12.35 -11.05 15.14
CA GLN A 31 12.42 -12.44 15.54
C GLN A 31 11.58 -13.26 14.60
N HIS A 32 10.54 -12.64 14.05
CA HIS A 32 9.67 -13.31 13.10
C HIS A 32 10.46 -13.70 11.86
N VAL A 33 11.18 -12.74 11.26
CA VAL A 33 11.98 -13.04 10.08
C VAL A 33 13.06 -14.07 10.44
N ALA A 34 13.67 -13.92 11.62
CA ALA A 34 14.71 -14.85 12.11
C ALA A 34 14.16 -16.27 12.25
N ASN A 35 12.95 -16.38 12.79
CA ASN A 35 12.29 -17.66 12.98
C ASN A 35 11.94 -18.26 11.62
N PHE A 36 11.53 -17.42 10.68
CA PHE A 36 11.20 -17.87 9.34
C PHE A 36 12.43 -18.47 8.65
N LEU A 37 13.54 -17.77 8.75
CA LEU A 37 14.80 -18.20 8.15
C LEU A 37 15.33 -19.49 8.76
N LYS A 38 15.29 -19.62 10.08
CA LYS A 38 15.79 -20.82 10.77
C LYS A 38 14.99 -22.07 10.42
N ALA A 39 13.68 -21.91 10.30
CA ALA A 39 12.76 -23.00 9.98
C ALA A 39 13.15 -23.74 8.71
N GLU A 40 13.60 -23.00 7.71
CA GLU A 40 14.00 -23.63 6.46
C GLU A 40 15.52 -23.72 6.36
N LYS A 41 16.18 -23.68 7.52
CA LYS A 41 17.64 -23.79 7.61
C LYS A 41 18.44 -22.76 6.79
N LYS A 42 17.91 -21.56 6.64
CA LYS A 42 18.60 -20.52 5.89
C LYS A 42 19.25 -19.51 6.82
N ALA A 43 19.28 -19.80 8.12
CA ALA A 43 19.92 -18.87 9.05
C ALA A 43 20.22 -19.46 10.42
N LYS A 44 21.25 -18.91 11.07
CA LYS A 44 21.61 -19.34 12.40
C LYS A 44 21.40 -18.13 13.29
N ILE A 45 20.70 -18.35 14.38
CA ILE A 45 20.34 -17.30 15.30
C ILE A 45 21.16 -17.23 16.58
N LYS A 46 21.68 -16.04 16.86
CA LYS A 46 22.42 -15.78 18.10
C LYS A 46 21.47 -14.82 18.80
N LYS A 47 20.87 -15.29 19.90
CA LYS A 47 19.92 -14.48 20.65
C LYS A 47 20.45 -14.23 22.07
N GLU A 48 20.51 -12.97 22.47
CA GLU A 48 21.04 -12.59 23.77
C GLU A 48 20.21 -11.45 24.36
N SER A 49 20.42 -11.14 25.63
CA SER A 49 19.69 -10.06 26.31
C SER A 49 19.16 -8.98 25.36
N GLY A 50 20.01 -8.00 25.06
CA GLY A 50 19.61 -6.93 24.15
C GLY A 50 20.44 -7.11 22.89
N TYR A 51 20.42 -8.34 22.38
CA TYR A 51 21.19 -8.67 21.20
C TYR A 51 20.60 -9.80 20.35
N LEU A 52 20.48 -9.52 19.07
CA LEU A 52 19.99 -10.49 18.13
C LEU A 52 20.88 -10.40 16.89
N LYS A 53 21.40 -11.53 16.44
CA LYS A 53 22.20 -11.56 15.21
C LYS A 53 21.74 -12.77 14.43
N VAL A 54 21.38 -12.53 13.19
CA VAL A 54 20.92 -13.59 12.30
C VAL A 54 21.88 -13.72 11.13
N LYS A 55 22.57 -14.87 11.06
CA LYS A 55 23.54 -15.10 10.00
C LYS A 55 22.90 -15.90 8.87
N PHE A 56 22.82 -15.29 7.69
CA PHE A 56 22.21 -15.92 6.53
C PHE A 56 22.99 -17.09 5.98
N GLU A 57 22.28 -17.92 5.23
CA GLU A 57 22.85 -19.11 4.60
C GLU A 57 22.02 -19.46 3.37
N GLU A 58 22.67 -19.50 2.22
CA GLU A 58 22.04 -19.87 0.96
C GLU A 58 20.70 -19.17 0.69
N LEU A 59 20.67 -17.85 0.81
CA LEU A 59 19.44 -17.13 0.57
C LEU A 59 19.03 -17.23 -0.89
N GLU A 60 17.73 -17.43 -1.10
CA GLU A 60 17.18 -17.53 -2.44
C GLU A 60 16.25 -16.34 -2.63
N ASN A 61 15.60 -16.27 -3.80
CA ASN A 61 14.68 -15.18 -4.11
C ASN A 61 13.65 -14.89 -3.01
N CYS A 62 13.12 -15.96 -2.42
CA CYS A 62 12.12 -15.84 -1.37
C CYS A 62 12.59 -15.02 -0.18
N GLU A 63 13.68 -15.45 0.45
CA GLU A 63 14.17 -14.73 1.61
C GLU A 63 14.71 -13.33 1.29
N VAL A 64 15.32 -13.16 0.12
CA VAL A 64 15.83 -11.85 -0.26
C VAL A 64 14.66 -10.86 -0.22
N LYS A 65 13.50 -11.28 -0.72
CA LYS A 65 12.33 -10.43 -0.71
C LYS A 65 11.77 -10.27 0.71
N VAL A 66 11.75 -11.35 1.51
CA VAL A 66 11.24 -11.20 2.87
C VAL A 66 12.17 -10.23 3.61
N LEU A 67 13.47 -10.37 3.46
CA LEU A 67 14.43 -9.50 4.11
C LEU A 67 14.30 -8.04 3.63
N ALA A 68 14.13 -7.84 2.33
CA ALA A 68 13.96 -6.47 1.82
C ALA A 68 12.72 -5.82 2.42
N ALA A 69 11.67 -6.63 2.60
CA ALA A 69 10.44 -6.13 3.18
C ALA A 69 10.65 -5.77 4.66
N MET A 70 11.43 -6.58 5.38
CA MET A 70 11.71 -6.31 6.79
C MET A 70 12.44 -4.97 6.92
N VAL A 71 13.39 -4.72 6.02
CA VAL A 71 14.16 -3.48 6.06
C VAL A 71 13.28 -2.28 5.78
N ARG A 72 12.46 -2.42 4.74
CA ARG A 72 11.54 -1.37 4.32
C ARG A 72 10.71 -0.95 5.54
N SER A 73 10.20 -1.93 6.27
CA SER A 73 9.38 -1.65 7.43
C SER A 73 10.20 -0.98 8.56
N LEU A 74 11.44 -1.42 8.75
CA LEU A 74 12.26 -0.84 9.79
C LEU A 74 12.66 0.60 9.44
N LYS A 75 12.91 0.84 8.15
CA LYS A 75 13.26 2.19 7.72
C LYS A 75 12.02 3.05 7.98
N GLU A 76 10.85 2.47 7.79
CA GLU A 76 9.59 3.18 8.03
C GLU A 76 9.45 3.55 9.52
N LEU A 77 9.84 2.65 10.42
CA LEU A 77 9.74 2.97 11.84
C LEU A 77 10.80 4.02 12.20
N GLU A 78 11.92 3.99 11.45
CA GLU A 78 13.02 4.95 11.63
C GLU A 78 12.49 6.35 11.37
N GLN A 79 11.64 6.48 10.36
CA GLN A 79 11.03 7.76 9.99
C GLN A 79 10.18 8.27 11.15
N LYS A 80 9.39 7.37 11.75
CA LYS A 80 8.52 7.73 12.87
C LYS A 80 9.24 8.02 14.20
N PHE A 81 10.23 7.22 14.56
CA PHE A 81 10.95 7.43 15.81
C PHE A 81 12.44 7.67 15.52
N PRO A 82 12.77 8.73 14.77
CA PRO A 82 14.16 9.05 14.42
C PRO A 82 15.21 9.05 15.53
N SER A 83 14.81 9.33 16.77
CA SER A 83 15.78 9.35 17.86
C SER A 83 15.81 8.02 18.61
N GLN A 84 14.91 7.13 18.24
CA GLN A 84 14.81 5.85 18.91
C GLN A 84 15.27 4.60 18.15
N ILE A 85 15.47 4.73 16.84
CA ILE A 85 15.92 3.60 16.08
C ILE A 85 16.72 4.02 14.85
N ARG A 86 17.79 3.29 14.60
CA ARG A 86 18.68 3.55 13.48
C ARG A 86 18.84 2.26 12.66
N VAL A 87 18.58 2.34 11.36
CA VAL A 87 18.73 1.21 10.45
C VAL A 87 19.93 1.46 9.53
N GLU A 88 20.98 0.68 9.71
CA GLU A 88 22.20 0.83 8.92
C GLU A 88 22.46 -0.35 7.99
N VAL A 89 22.34 -0.11 6.69
CA VAL A 89 22.61 -1.14 5.70
C VAL A 89 24.08 -0.89 5.32
N ILE A 90 24.95 -1.85 5.61
CA ILE A 90 26.37 -1.68 5.30
C ILE A 90 26.71 -2.21 3.92
N ASP A 91 26.89 -1.28 2.98
CA ASP A 91 27.20 -1.61 1.61
C ASP A 91 28.69 -1.54 1.33
N ASN A 92 29.37 -2.68 1.35
CA ASN A 92 30.79 -2.63 1.05
C ASN A 92 31.21 -3.27 -0.26
N GLY A 93 32.27 -2.70 -0.82
CA GLY A 93 32.81 -3.16 -2.08
C GLY A 93 32.87 -1.96 -2.99
N SER A 94 32.25 -2.08 -4.15
CA SER A 94 32.21 -1.00 -5.12
C SER A 94 31.49 -1.46 -6.39
N MET B 1 4.27 22.44 -0.03
CA MET B 1 4.02 22.38 -1.49
C MET B 1 4.17 20.94 -2.04
N ILE B 2 3.22 20.51 -2.87
CA ILE B 2 3.29 19.18 -3.47
C ILE B 2 4.19 19.34 -4.71
N LYS B 3 5.08 18.39 -4.90
CA LYS B 3 5.99 18.42 -6.03
C LYS B 3 5.86 17.17 -6.88
N VAL B 4 5.44 17.35 -8.13
CA VAL B 4 5.27 16.24 -9.03
C VAL B 4 6.34 16.34 -10.11
N THR B 5 7.02 15.24 -10.38
CA THR B 5 8.04 15.22 -11.40
C THR B 5 7.67 14.16 -12.42
N VAL B 6 7.79 14.50 -13.69
CA VAL B 6 7.50 13.57 -14.77
C VAL B 6 8.65 13.53 -15.78
N THR B 7 9.20 12.34 -16.00
CA THR B 7 10.26 12.15 -16.97
C THR B 7 9.76 11.04 -17.87
N ASN B 8 10.59 10.61 -18.82
CA ASN B 8 10.22 9.55 -19.75
C ASN B 8 10.32 8.16 -19.16
N SER B 9 10.77 8.08 -17.91
CA SER B 9 10.93 6.78 -17.25
C SER B 9 10.10 6.63 -15.97
N PHE B 10 9.71 7.75 -15.37
CA PHE B 10 8.91 7.68 -14.16
C PHE B 10 8.22 8.99 -13.82
N PHE B 11 7.37 8.93 -12.80
CA PHE B 11 6.77 10.12 -12.26
C PHE B 11 6.89 9.96 -10.75
N GLU B 12 7.03 11.08 -10.08
CA GLU B 12 7.23 11.08 -8.65
C GLU B 12 6.39 12.17 -8.00
N VAL B 13 5.91 11.89 -6.80
CA VAL B 13 5.11 12.85 -6.06
C VAL B 13 5.70 12.92 -4.65
N THR B 14 5.93 14.13 -4.15
CA THR B 14 6.48 14.33 -2.81
C THR B 14 5.86 15.57 -2.19
N GLY B 15 5.98 15.66 -0.88
CA GLY B 15 5.48 16.82 -0.16
C GLY B 15 3.99 16.78 0.07
N HIS B 16 3.48 17.81 0.74
CA HIS B 16 2.07 17.90 1.03
C HIS B 16 1.68 19.36 0.90
N ALA B 17 0.40 19.60 0.66
CA ALA B 17 -0.11 20.95 0.53
C ALA B 17 -0.92 21.26 1.79
N PRO B 18 -1.01 22.55 2.14
CA PRO B 18 -1.79 22.90 3.35
C PRO B 18 -3.29 22.57 3.15
N ASP B 19 -3.74 22.73 1.92
CA ASP B 19 -5.12 22.47 1.55
C ASP B 19 -5.39 20.95 1.43
N LYS B 20 -6.20 20.43 2.36
CA LYS B 20 -6.54 19.02 2.41
C LYS B 20 -7.27 18.47 1.17
N THR B 21 -8.13 19.28 0.57
CA THR B 21 -8.85 18.83 -0.61
C THR B 21 -7.83 18.61 -1.74
N LEU B 22 -6.91 19.55 -1.90
CA LEU B 22 -5.88 19.45 -2.95
C LEU B 22 -5.00 18.21 -2.76
N CYS B 23 -4.60 17.95 -1.51
CA CYS B 23 -3.78 16.81 -1.17
C CYS B 23 -4.45 15.50 -1.55
N ALA B 24 -5.67 15.33 -1.04
CA ALA B 24 -6.47 14.14 -1.30
C ALA B 24 -6.73 14.01 -2.80
N SER B 25 -7.00 15.13 -3.46
CA SER B 25 -7.27 15.09 -4.89
C SER B 25 -6.04 14.65 -5.69
N VAL B 26 -4.88 15.16 -5.33
CA VAL B 26 -3.65 14.79 -6.04
C VAL B 26 -3.28 13.32 -5.73
N SER B 27 -3.38 12.92 -4.47
CA SER B 27 -3.03 11.56 -4.10
C SER B 27 -3.94 10.49 -4.71
N LEU B 28 -5.23 10.77 -4.84
CA LEU B 28 -6.13 9.79 -5.41
C LEU B 28 -5.83 9.66 -6.90
N LEU B 29 -5.80 10.80 -7.58
CA LEU B 29 -5.51 10.78 -9.02
C LEU B 29 -4.17 10.08 -9.32
N THR B 30 -3.09 10.51 -8.67
CA THR B 30 -1.80 9.90 -8.92
C THR B 30 -1.69 8.42 -8.57
N GLN B 31 -2.28 8.00 -7.46
CA GLN B 31 -2.23 6.59 -7.11
C GLN B 31 -3.14 5.82 -8.04
N HIS B 32 -4.20 6.47 -8.52
CA HIS B 32 -5.09 5.81 -9.45
C HIS B 32 -4.26 5.37 -10.67
N VAL B 33 -3.53 6.31 -11.25
CA VAL B 33 -2.70 6.01 -12.42
C VAL B 33 -1.61 4.98 -12.09
N ALA B 34 -0.99 5.13 -10.92
CA ALA B 34 0.07 4.20 -10.50
C ALA B 34 -0.48 2.77 -10.42
N ASN B 35 -1.70 2.62 -9.91
CA ASN B 35 -2.30 1.31 -9.80
C ASN B 35 -2.74 0.77 -11.15
N PHE B 36 -3.22 1.65 -12.02
CA PHE B 36 -3.63 1.26 -13.37
C PHE B 36 -2.42 0.68 -14.09
N LEU B 37 -1.29 1.35 -13.98
CA LEU B 37 -0.07 0.89 -14.61
C LEU B 37 0.44 -0.43 -13.98
N LYS B 38 0.50 -0.48 -12.66
CA LYS B 38 1.01 -1.68 -11.99
C LYS B 38 0.19 -2.93 -12.28
N ALA B 39 -1.13 -2.77 -12.39
CA ALA B 39 -2.02 -3.88 -12.68
C ALA B 39 -1.65 -4.53 -14.01
N GLU B 40 -1.33 -3.73 -15.02
CA GLU B 40 -0.99 -4.30 -16.32
C GLU B 40 0.53 -4.44 -16.50
N LYS B 41 1.24 -4.53 -15.39
CA LYS B 41 2.69 -4.71 -15.42
C LYS B 41 3.42 -3.69 -16.29
N LYS B 42 3.02 -2.43 -16.18
CA LYS B 42 3.64 -1.34 -16.95
C LYS B 42 4.35 -0.36 -16.02
N ALA B 43 4.42 -0.70 -14.73
CA ALA B 43 5.09 0.16 -13.76
C ALA B 43 5.33 -0.54 -12.44
N LYS B 44 6.44 -0.18 -11.80
CA LYS B 44 6.76 -0.72 -10.49
C LYS B 44 6.60 0.48 -9.56
N ILE B 45 5.97 0.27 -8.42
CA ILE B 45 5.72 1.36 -7.49
C ILE B 45 6.58 1.40 -6.26
N LYS B 46 7.03 2.60 -5.91
CA LYS B 46 7.82 2.84 -4.70
C LYS B 46 6.95 3.78 -3.88
N LYS B 47 6.29 3.24 -2.86
CA LYS B 47 5.41 4.04 -2.02
C LYS B 47 5.97 4.20 -0.60
N GLU B 48 6.11 5.44 -0.18
CA GLU B 48 6.65 5.73 1.14
C GLU B 48 5.83 6.84 1.79
N SER B 49 6.17 7.17 3.04
CA SER B 49 5.46 8.22 3.78
C SER B 49 5.01 9.37 2.86
N GLY B 50 5.91 10.31 2.60
CA GLY B 50 5.54 11.42 1.73
C GLY B 50 6.21 11.25 0.39
N TYR B 51 6.17 10.04 -0.14
CA TYR B 51 6.84 9.76 -1.39
C TYR B 51 6.15 8.71 -2.27
N LEU B 52 6.10 9.01 -3.57
CA LEU B 52 5.55 8.11 -4.56
C LEU B 52 6.38 8.21 -5.84
N LYS B 53 6.86 7.07 -6.34
CA LYS B 53 7.62 7.01 -7.59
C LYS B 53 7.12 5.79 -8.34
N VAL B 54 6.66 6.04 -9.55
CA VAL B 54 6.12 5.04 -10.45
C VAL B 54 7.11 4.95 -11.60
N LYS B 55 7.83 3.82 -11.68
CA LYS B 55 8.80 3.65 -12.74
C LYS B 55 8.17 2.89 -13.90
N PHE B 56 8.14 3.54 -15.06
CA PHE B 56 7.53 2.96 -16.24
C PHE B 56 8.26 1.78 -16.79
N GLU B 57 7.50 1.02 -17.59
CA GLU B 57 8.00 -0.18 -18.26
C GLU B 57 7.09 -0.45 -19.44
N GLU B 58 7.70 -0.57 -20.61
CA GLU B 58 7.01 -0.86 -21.87
C GLU B 58 5.70 -0.11 -22.09
N LEU B 59 5.75 1.22 -21.97
CA LEU B 59 4.53 2.00 -22.16
C LEU B 59 4.11 1.98 -23.61
N GLU B 60 2.82 1.75 -23.84
CA GLU B 60 2.29 1.74 -25.18
C GLU B 60 1.45 2.97 -25.32
N ASN B 61 0.80 3.15 -26.47
CA ASN B 61 -0.01 4.34 -26.66
C ASN B 61 -1.07 4.55 -25.58
N CYS B 62 -1.60 3.45 -25.07
CA CYS B 62 -2.65 3.50 -24.05
C CYS B 62 -2.19 4.23 -22.80
N GLU B 63 -1.04 3.84 -22.25
CA GLU B 63 -0.54 4.49 -21.04
C GLU B 63 0.03 5.86 -21.32
N VAL B 64 0.50 6.08 -22.54
CA VAL B 64 1.04 7.38 -22.92
C VAL B 64 -0.08 8.44 -22.83
N LYS B 65 -1.21 8.18 -23.49
CA LYS B 65 -2.36 9.08 -23.45
C LYS B 65 -2.92 9.23 -22.01
N VAL B 66 -2.88 8.15 -21.24
CA VAL B 66 -3.40 8.15 -19.88
C VAL B 66 -2.49 9.05 -19.03
N LEU B 67 -1.19 8.77 -19.06
CA LEU B 67 -0.21 9.57 -18.32
C LEU B 67 -0.31 11.04 -18.77
N ALA B 68 -0.49 11.25 -20.06
CA ALA B 68 -0.64 12.60 -20.59
C ALA B 68 -1.85 13.32 -19.97
N ALA B 69 -2.96 12.60 -19.85
CA ALA B 69 -4.15 13.20 -19.27
C ALA B 69 -3.92 13.52 -17.79
N MET B 70 -3.13 12.68 -17.12
CA MET B 70 -2.84 12.90 -15.70
C MET B 70 -2.07 14.22 -15.56
N VAL B 71 -1.03 14.37 -16.39
CA VAL B 71 -0.21 15.56 -16.35
C VAL B 71 -1.04 16.81 -16.60
N ARG B 72 -1.92 16.73 -17.59
CA ARG B 72 -2.80 17.83 -17.95
C ARG B 72 -3.61 18.32 -16.75
N SER B 73 -4.27 17.39 -16.07
CA SER B 73 -5.07 17.71 -14.90
C SER B 73 -4.24 18.22 -13.72
N LEU B 74 -3.04 17.69 -13.53
CA LEU B 74 -2.20 18.17 -12.44
C LEU B 74 -1.81 19.64 -12.71
N LYS B 75 -1.57 19.94 -13.99
CA LYS B 75 -1.19 21.30 -14.39
C LYS B 75 -2.36 22.24 -14.21
N GLU B 76 -3.56 21.73 -14.35
CA GLU B 76 -4.74 22.56 -14.16
C GLU B 76 -4.85 22.86 -12.67
N LEU B 77 -4.49 21.89 -11.84
CA LEU B 77 -4.54 22.09 -10.39
C LEU B 77 -3.46 23.10 -10.02
N GLU B 78 -2.36 23.07 -10.76
CA GLU B 78 -1.24 23.99 -10.52
C GLU B 78 -1.65 25.43 -10.79
N GLN B 79 -2.56 25.63 -11.74
CA GLN B 79 -3.06 26.96 -12.08
C GLN B 79 -3.97 27.48 -10.98
N LYS B 80 -4.79 26.60 -10.41
CA LYS B 80 -5.71 27.02 -9.34
C LYS B 80 -5.05 27.14 -7.96
N PHE B 81 -3.99 26.36 -7.72
CA PHE B 81 -3.26 26.39 -6.44
C PHE B 81 -1.76 26.52 -6.71
N PRO B 82 -1.32 27.65 -7.29
CA PRO B 82 0.10 27.87 -7.60
C PRO B 82 1.12 27.83 -6.48
N SER B 83 0.71 28.13 -5.25
CA SER B 83 1.67 28.11 -4.14
C SER B 83 1.68 26.75 -3.42
N GLN B 84 0.79 25.85 -3.84
CA GLN B 84 0.66 24.56 -3.18
C GLN B 84 1.05 23.31 -3.96
N ILE B 85 1.27 23.46 -5.26
CA ILE B 85 1.68 22.34 -6.07
C ILE B 85 2.51 22.79 -7.28
N ARG B 86 3.60 22.06 -7.52
CA ARG B 86 4.47 22.34 -8.65
C ARG B 86 4.55 21.10 -9.56
N VAL B 87 4.34 21.28 -10.85
CA VAL B 87 4.45 20.16 -11.78
C VAL B 87 5.62 20.44 -12.73
N GLU B 88 6.62 19.56 -12.71
CA GLU B 88 7.78 19.73 -13.58
C GLU B 88 7.97 18.52 -14.49
N VAL B 89 7.92 18.75 -15.79
CA VAL B 89 8.16 17.70 -16.76
C VAL B 89 9.63 17.90 -17.15
N ILE B 90 10.50 16.96 -16.81
CA ILE B 90 11.93 17.11 -17.12
C ILE B 90 12.27 16.71 -18.55
N ASP B 91 12.45 17.71 -19.40
CA ASP B 91 12.77 17.51 -20.81
C ASP B 91 14.23 17.19 -21.01
N ASN B 92 14.60 15.91 -21.02
CA ASN B 92 16.00 15.63 -21.27
C ASN B 92 16.36 14.55 -22.28
N GLY B 93 17.36 14.91 -23.04
CA GLY B 93 17.92 14.09 -24.10
C GLY B 93 18.67 15.18 -24.82
N SER B 94 18.79 16.29 -24.10
CA SER B 94 19.44 17.53 -24.50
C SER B 94 18.34 18.55 -24.79
N MET C 1 -24.30 11.32 1.07
CA MET C 1 -23.52 10.11 0.69
C MET C 1 -23.36 10.05 -0.83
N ILE C 2 -22.14 9.80 -1.31
CA ILE C 2 -21.90 9.71 -2.74
C ILE C 2 -22.32 8.32 -3.21
N LYS C 3 -22.99 8.26 -4.35
CA LYS C 3 -23.44 6.99 -4.94
C LYS C 3 -22.79 6.81 -6.31
N VAL C 4 -22.03 5.73 -6.48
CA VAL C 4 -21.38 5.47 -7.77
C VAL C 4 -21.84 4.14 -8.35
N THR C 5 -22.47 4.20 -9.52
CA THR C 5 -22.92 2.99 -10.18
C THR C 5 -22.10 2.75 -11.43
N VAL C 6 -21.45 1.58 -11.49
CA VAL C 6 -20.63 1.21 -12.65
C VAL C 6 -21.13 -0.07 -13.32
N THR C 7 -21.53 0.02 -14.58
CA THR C 7 -22.01 -1.17 -15.30
C THR C 7 -21.12 -1.37 -16.51
N ASN C 8 -21.52 -2.28 -17.39
CA ASN C 8 -20.76 -2.53 -18.62
C ASN C 8 -21.08 -1.49 -19.68
N SER C 9 -22.16 -0.73 -19.46
CA SER C 9 -22.62 0.28 -20.40
C SER C 9 -22.41 1.72 -19.94
N PHE C 10 -22.27 1.91 -18.61
CA PHE C 10 -22.10 3.26 -18.11
C PHE C 10 -21.68 3.33 -16.65
N PHE C 11 -21.35 4.54 -16.21
CA PHE C 11 -21.09 4.73 -14.81
C PHE C 11 -21.81 6.02 -14.45
N GLU C 12 -22.28 6.09 -13.22
CA GLU C 12 -23.05 7.24 -12.77
C GLU C 12 -22.61 7.67 -11.38
N VAL C 13 -22.62 8.98 -11.16
CA VAL C 13 -22.24 9.53 -9.86
C VAL C 13 -23.28 10.54 -9.44
N THR C 14 -23.84 10.32 -8.26
CA THR C 14 -24.85 11.22 -7.70
C THR C 14 -24.55 11.44 -6.21
N GLY C 15 -25.16 12.48 -5.64
CA GLY C 15 -25.01 12.74 -4.22
C GLY C 15 -23.79 13.53 -3.77
N HIS C 16 -23.67 13.74 -2.46
CA HIS C 16 -22.54 14.46 -1.88
C HIS C 16 -22.18 13.91 -0.52
N ALA C 17 -20.89 13.90 -0.21
CA ALA C 17 -20.42 13.43 1.10
C ALA C 17 -20.11 14.62 2.02
N PRO C 18 -20.32 14.44 3.33
CA PRO C 18 -20.05 15.51 4.28
C PRO C 18 -18.60 15.97 4.11
N ASP C 19 -17.71 14.99 4.04
CA ASP C 19 -16.28 15.23 3.88
C ASP C 19 -16.00 15.93 2.55
N LYS C 20 -15.68 17.22 2.60
CA LYS C 20 -15.39 17.98 1.39
C LYS C 20 -14.16 17.49 0.62
N THR C 21 -13.25 16.80 1.30
CA THR C 21 -12.06 16.30 0.63
C THR C 21 -12.41 15.06 -0.16
N LEU C 22 -13.34 14.26 0.37
CA LEU C 22 -13.76 13.05 -0.30
C LEU C 22 -14.59 13.49 -1.49
N CYS C 23 -15.43 14.50 -1.28
CA CYS C 23 -16.25 15.01 -2.35
C CYS C 23 -15.42 15.57 -3.52
N ALA C 24 -14.38 16.34 -3.20
CA ALA C 24 -13.51 16.91 -4.25
C ALA C 24 -12.73 15.84 -5.02
N SER C 25 -12.20 14.87 -4.27
CA SER C 25 -11.42 13.75 -4.81
C SER C 25 -12.19 12.89 -5.80
N VAL C 26 -13.40 12.53 -5.41
CA VAL C 26 -14.25 11.68 -6.22
C VAL C 26 -14.75 12.39 -7.48
N SER C 27 -15.08 13.67 -7.37
CA SER C 27 -15.55 14.38 -8.55
C SER C 27 -14.41 14.57 -9.55
N LEU C 28 -13.21 14.79 -9.04
CA LEU C 28 -12.02 14.97 -9.87
C LEU C 28 -11.68 13.67 -10.63
N LEU C 29 -11.65 12.55 -9.91
CA LEU C 29 -11.34 11.28 -10.53
C LEU C 29 -12.42 10.82 -11.53
N THR C 30 -13.67 10.97 -11.14
CA THR C 30 -14.77 10.52 -11.99
C THR C 30 -14.86 11.38 -13.24
N GLN C 31 -14.78 12.70 -13.07
CA GLN C 31 -14.84 13.59 -14.22
C GLN C 31 -13.60 13.41 -15.12
N HIS C 32 -12.48 13.06 -14.52
CA HIS C 32 -11.24 12.87 -15.28
C HIS C 32 -11.36 11.66 -16.19
N VAL C 33 -11.94 10.60 -15.63
CA VAL C 33 -12.17 9.36 -16.37
C VAL C 33 -13.24 9.64 -17.43
N ALA C 34 -14.28 10.36 -17.06
CA ALA C 34 -15.34 10.69 -18.01
C ALA C 34 -14.72 11.45 -19.17
N ASN C 35 -13.90 12.45 -18.85
CA ASN C 35 -13.26 13.27 -19.88
C ASN C 35 -12.29 12.51 -20.77
N PHE C 36 -11.52 11.59 -20.19
CA PHE C 36 -10.59 10.80 -20.97
C PHE C 36 -11.36 9.95 -22.01
N LEU C 37 -12.43 9.30 -21.56
CA LEU C 37 -13.26 8.47 -22.44
C LEU C 37 -13.91 9.32 -23.52
N LYS C 38 -14.40 10.49 -23.14
CA LYS C 38 -15.03 11.36 -24.12
C LYS C 38 -13.97 11.86 -25.13
N ALA C 39 -12.77 12.13 -24.63
CA ALA C 39 -11.65 12.61 -25.44
C ALA C 39 -11.38 11.72 -26.64
N GLU C 40 -11.37 10.41 -26.44
CA GLU C 40 -11.13 9.52 -27.56
C GLU C 40 -12.40 8.93 -28.14
N LYS C 41 -13.48 9.68 -28.01
CA LYS C 41 -14.80 9.30 -28.54
C LYS C 41 -15.30 7.93 -28.09
N LYS C 42 -15.12 7.64 -26.81
CA LYS C 42 -15.55 6.36 -26.25
C LYS C 42 -16.70 6.56 -25.26
N ALA C 43 -17.22 7.77 -25.17
CA ALA C 43 -18.33 8.03 -24.25
C ALA C 43 -18.97 9.38 -24.46
N LYS C 44 -20.23 9.47 -24.10
CA LYS C 44 -20.97 10.70 -24.15
C LYS C 44 -21.30 11.02 -22.69
N ILE C 45 -21.24 12.30 -22.34
CA ILE C 45 -21.47 12.72 -20.96
C ILE C 45 -22.72 13.56 -20.72
N LYS C 46 -23.39 13.26 -19.61
CA LYS C 46 -24.58 13.97 -19.15
C LYS C 46 -24.08 14.54 -17.82
N LYS C 47 -23.96 15.86 -17.73
CA LYS C 47 -23.45 16.50 -16.52
C LYS C 47 -24.42 17.57 -16.02
N GLU C 48 -24.77 17.45 -14.75
CA GLU C 48 -25.72 18.35 -14.10
C GLU C 48 -25.37 18.48 -12.61
N SER C 49 -25.73 19.61 -11.99
CA SER C 49 -25.48 19.88 -10.57
C SER C 49 -24.74 18.76 -9.82
N GLY C 50 -25.50 17.83 -9.26
CA GLY C 50 -24.92 16.72 -8.52
C GLY C 50 -25.17 15.41 -9.24
N TYR C 51 -25.10 15.48 -10.56
CA TYR C 51 -25.35 14.31 -11.38
C TYR C 51 -24.32 14.16 -12.49
N LEU C 52 -23.88 12.92 -12.70
CA LEU C 52 -22.93 12.63 -13.75
C LEU C 52 -23.22 11.23 -14.26
N LYS C 53 -23.54 11.12 -15.54
CA LYS C 53 -23.77 9.82 -16.18
C LYS C 53 -22.88 9.73 -17.42
N VAL C 54 -22.02 8.71 -17.44
CA VAL C 54 -21.10 8.50 -18.56
C VAL C 54 -21.50 7.25 -19.34
N LYS C 55 -21.95 7.46 -20.58
CA LYS C 55 -22.35 6.34 -21.43
C LYS C 55 -21.23 5.89 -22.35
N PHE C 56 -20.78 4.65 -22.16
CA PHE C 56 -19.68 4.06 -22.92
C PHE C 56 -19.96 3.77 -24.40
N GLU C 57 -18.93 3.90 -25.23
CA GLU C 57 -19.07 3.66 -26.66
C GLU C 57 -17.84 3.00 -27.21
N GLU C 58 -18.03 1.82 -27.80
CA GLU C 58 -16.94 1.06 -28.41
C GLU C 58 -15.70 0.91 -27.54
N LEU C 59 -15.89 0.56 -26.27
CA LEU C 59 -14.76 0.39 -25.39
C LEU C 59 -13.80 -0.70 -25.87
N GLU C 60 -12.50 -0.43 -25.72
CA GLU C 60 -11.47 -1.38 -26.11
C GLU C 60 -10.61 -1.69 -24.88
N ASN C 61 -9.53 -2.45 -25.12
CA ASN C 61 -8.56 -2.86 -24.09
C ASN C 61 -8.21 -1.71 -23.15
N CYS C 62 -7.76 -0.61 -23.73
CA CYS C 62 -7.38 0.56 -22.96
C CYS C 62 -8.43 1.08 -22.00
N GLU C 63 -9.61 1.42 -22.54
CA GLU C 63 -10.65 1.99 -21.70
C GLU C 63 -11.20 1.02 -20.65
N VAL C 64 -11.18 -0.28 -20.93
CA VAL C 64 -11.67 -1.24 -19.97
C VAL C 64 -10.72 -1.34 -18.77
N LYS C 65 -9.42 -1.16 -19.01
CA LYS C 65 -8.47 -1.21 -17.90
C LYS C 65 -8.58 0.11 -17.12
N VAL C 66 -8.92 1.18 -17.83
CA VAL C 66 -9.06 2.48 -17.17
C VAL C 66 -10.25 2.45 -16.19
N LEU C 67 -11.39 1.93 -16.68
CA LEU C 67 -12.60 1.84 -15.87
C LEU C 67 -12.36 0.94 -14.66
N ALA C 68 -11.71 -0.20 -14.90
CA ALA C 68 -11.41 -1.16 -13.83
C ALA C 68 -10.54 -0.49 -12.76
N ALA C 69 -9.62 0.38 -13.17
CA ALA C 69 -8.79 1.06 -12.21
C ALA C 69 -9.61 2.09 -11.41
N MET C 70 -10.53 2.77 -12.07
CA MET C 70 -11.36 3.75 -11.40
C MET C 70 -12.17 3.02 -10.33
N VAL C 71 -12.71 1.85 -10.68
CA VAL C 71 -13.47 1.07 -9.72
C VAL C 71 -12.58 0.69 -8.51
N ARG C 72 -11.35 0.26 -8.81
CA ARG C 72 -10.40 -0.13 -7.78
C ARG C 72 -10.10 1.06 -6.86
N SER C 73 -9.86 2.23 -7.45
CA SER C 73 -9.63 3.43 -6.64
C SER C 73 -10.82 3.85 -5.78
N LEU C 74 -12.04 3.73 -6.31
CA LEU C 74 -13.24 4.11 -5.58
C LEU C 74 -13.61 3.18 -4.44
N LYS C 75 -13.43 1.87 -4.64
CA LYS C 75 -13.76 0.92 -3.58
C LYS C 75 -12.74 1.02 -2.45
N GLU C 76 -11.56 1.54 -2.75
CA GLU C 76 -10.53 1.73 -1.73
C GLU C 76 -11.06 2.80 -0.77
N LEU C 77 -11.70 3.82 -1.36
CA LEU C 77 -12.26 4.91 -0.58
C LEU C 77 -13.51 4.45 0.17
N GLU C 78 -14.29 3.58 -0.46
CA GLU C 78 -15.51 3.06 0.14
C GLU C 78 -15.16 2.34 1.45
N GLN C 79 -13.94 1.81 1.53
CA GLN C 79 -13.50 1.10 2.72
C GLN C 79 -13.18 2.07 3.85
N LYS C 80 -12.58 3.19 3.48
CA LYS C 80 -12.16 4.21 4.44
C LYS C 80 -13.30 5.11 4.89
N PHE C 81 -14.29 5.30 4.03
CA PHE C 81 -15.43 6.16 4.34
C PHE C 81 -16.73 5.45 3.97
N PRO C 82 -16.96 4.28 4.57
CA PRO C 82 -18.17 3.51 4.27
C PRO C 82 -19.51 4.26 4.42
N SER C 83 -19.55 5.30 5.23
CA SER C 83 -20.80 6.03 5.42
C SER C 83 -20.91 7.26 4.53
N GLN C 84 -19.95 7.45 3.63
CA GLN C 84 -19.98 8.63 2.77
C GLN C 84 -20.00 8.35 1.27
N ILE C 85 -19.64 7.13 0.89
CA ILE C 85 -19.65 6.77 -0.52
C ILE C 85 -19.93 5.29 -0.73
N ARG C 86 -20.84 5.01 -1.67
CA ARG C 86 -21.22 3.64 -1.98
C ARG C 86 -20.96 3.37 -3.46
N VAL C 87 -20.17 2.34 -3.73
CA VAL C 87 -19.82 1.97 -5.10
C VAL C 87 -20.45 0.64 -5.50
N GLU C 88 -21.38 0.70 -6.45
CA GLU C 88 -22.03 -0.50 -6.91
C GLU C 88 -21.60 -0.86 -8.33
N VAL C 89 -21.00 -2.04 -8.47
CA VAL C 89 -20.59 -2.50 -9.80
C VAL C 89 -21.65 -3.54 -10.17
N ILE C 90 -22.63 -3.09 -10.94
CA ILE C 90 -23.78 -3.88 -11.35
C ILE C 90 -23.55 -5.22 -12.03
N ASP C 91 -22.81 -5.24 -13.13
CA ASP C 91 -22.61 -6.51 -13.79
C ASP C 91 -21.30 -7.16 -13.43
N MET D 1 -9.53 -8.50 23.87
CA MET D 1 -8.81 -9.73 23.42
C MET D 1 -8.62 -9.77 21.89
N ILE D 2 -7.39 -9.99 21.46
CA ILE D 2 -7.09 -10.06 20.03
C ILE D 2 -7.37 -11.47 19.58
N LYS D 3 -8.09 -11.60 18.47
CA LYS D 3 -8.43 -12.90 17.89
C LYS D 3 -7.77 -12.99 16.53
N VAL D 4 -7.05 -14.08 16.29
CA VAL D 4 -6.41 -14.29 14.99
C VAL D 4 -6.87 -15.63 14.48
N THR D 5 -7.46 -15.63 13.29
CA THR D 5 -7.94 -16.85 12.68
C THR D 5 -7.12 -17.02 11.44
N VAL D 6 -6.52 -18.19 11.29
CA VAL D 6 -5.69 -18.47 10.13
C VAL D 6 -6.16 -19.76 9.47
N THR D 7 -6.49 -19.68 8.17
CA THR D 7 -6.95 -20.85 7.42
C THR D 7 -6.10 -21.00 6.17
N ASN D 8 -6.54 -21.87 5.26
CA ASN D 8 -5.82 -22.09 3.99
C ASN D 8 -6.21 -21.02 2.98
N SER D 9 -7.30 -20.32 3.23
CA SER D 9 -7.80 -19.30 2.31
C SER D 9 -7.59 -17.86 2.74
N PHE D 10 -7.39 -17.62 4.03
CA PHE D 10 -7.21 -16.26 4.55
C PHE D 10 -6.84 -16.25 6.03
N PHE D 11 -6.46 -15.08 6.53
CA PHE D 11 -6.20 -14.94 7.96
C PHE D 11 -6.97 -13.71 8.43
N GLU D 12 -7.44 -13.74 9.68
CA GLU D 12 -8.25 -12.64 10.18
C GLU D 12 -7.82 -12.19 11.57
N VAL D 13 -7.74 -10.88 11.75
CA VAL D 13 -7.36 -10.29 13.03
C VAL D 13 -8.47 -9.35 13.53
N THR D 14 -8.99 -9.62 14.74
CA THR D 14 -10.03 -8.77 15.31
C THR D 14 -9.78 -8.49 16.79
N GLY D 15 -10.45 -7.45 17.30
CA GLY D 15 -10.33 -7.11 18.71
C GLY D 15 -9.09 -6.33 19.09
N HIS D 16 -8.98 -6.04 20.38
CA HIS D 16 -7.85 -5.30 20.93
C HIS D 16 -7.46 -5.86 22.28
N ALA D 17 -6.18 -5.73 22.62
CA ALA D 17 -5.69 -6.21 23.89
C ALA D 17 -5.39 -5.00 24.79
N PRO D 18 -5.57 -5.19 26.11
CA PRO D 18 -5.33 -4.11 27.07
C PRO D 18 -3.90 -3.60 26.92
N ASP D 19 -2.99 -4.52 26.66
CA ASP D 19 -1.58 -4.21 26.48
C ASP D 19 -1.35 -3.47 25.15
N LYS D 20 -1.10 -2.18 25.21
CA LYS D 20 -0.89 -1.40 23.98
C LYS D 20 0.34 -1.82 23.15
N THR D 21 1.34 -2.40 23.81
CA THR D 21 2.54 -2.85 23.10
C THR D 21 2.23 -4.17 22.37
N LEU D 22 1.50 -5.04 23.03
CA LEU D 22 1.12 -6.30 22.41
C LEU D 22 0.25 -5.93 21.23
N CYS D 23 -0.67 -4.99 21.45
CA CYS D 23 -1.59 -4.56 20.42
C CYS D 23 -0.90 -3.88 19.24
N ALA D 24 0.11 -3.06 19.51
CA ALA D 24 0.82 -2.39 18.41
C ALA D 24 1.70 -3.38 17.65
N SER D 25 2.30 -4.31 18.41
CA SER D 25 3.18 -5.34 17.88
C SER D 25 2.47 -6.30 16.91
N VAL D 26 1.29 -6.75 17.30
CA VAL D 26 0.53 -7.68 16.47
C VAL D 26 0.00 -6.97 15.22
N SER D 27 -0.42 -5.72 15.37
CA SER D 27 -0.95 -4.99 14.23
C SER D 27 0.16 -4.76 13.20
N LEU D 28 1.39 -4.54 13.69
CA LEU D 28 2.50 -4.33 12.81
C LEU D 28 2.84 -5.63 12.04
N LEU D 29 2.98 -6.73 12.77
CA LEU D 29 3.31 -8.00 12.15
C LEU D 29 2.27 -8.46 11.14
N THR D 30 1.02 -8.43 11.53
CA THR D 30 -0.02 -8.90 10.64
C THR D 30 -0.20 -8.03 9.42
N GLN D 31 -0.17 -6.72 9.59
CA GLN D 31 -0.28 -5.81 8.46
C GLN D 31 0.94 -5.95 7.55
N HIS D 32 2.08 -6.31 8.15
CA HIS D 32 3.33 -6.47 7.39
C HIS D 32 3.27 -7.64 6.42
N VAL D 33 2.75 -8.74 6.94
CA VAL D 33 2.59 -9.96 6.16
C VAL D 33 1.51 -9.74 5.12
N ALA D 34 0.45 -9.03 5.51
CA ALA D 34 -0.66 -8.73 4.61
C ALA D 34 -0.16 -7.93 3.43
N ASN D 35 0.61 -6.88 3.71
CA ASN D 35 1.14 -6.03 2.66
C ASN D 35 2.18 -6.75 1.81
N PHE D 36 2.90 -7.69 2.41
CA PHE D 36 3.91 -8.44 1.68
C PHE D 36 3.19 -9.31 0.66
N LEU D 37 2.08 -9.92 1.06
CA LEU D 37 1.31 -10.76 0.16
C LEU D 37 0.63 -9.92 -0.92
N LYS D 38 0.12 -8.75 -0.53
CA LYS D 38 -0.52 -7.87 -1.51
C LYS D 38 0.52 -7.36 -2.52
N ALA D 39 1.68 -6.93 -2.01
CA ALA D 39 2.75 -6.41 -2.85
C ALA D 39 3.10 -7.34 -4.01
N GLU D 40 3.03 -8.65 -3.79
CA GLU D 40 3.35 -9.58 -4.87
C GLU D 40 2.11 -10.24 -5.47
N LYS D 41 1.01 -9.49 -5.48
CA LYS D 41 -0.25 -9.93 -6.05
C LYS D 41 -0.67 -11.32 -5.58
N LYS D 42 -0.50 -11.58 -4.28
CA LYS D 42 -0.84 -12.87 -3.71
C LYS D 42 -2.01 -12.78 -2.73
N ALA D 43 -2.58 -11.58 -2.59
CA ALA D 43 -3.70 -11.41 -1.67
C ALA D 43 -4.42 -10.09 -1.81
N LYS D 44 -5.70 -10.11 -1.47
CA LYS D 44 -6.54 -8.92 -1.46
C LYS D 44 -6.84 -8.65 0.01
N ILE D 45 -6.80 -7.38 0.40
CA ILE D 45 -7.01 -7.00 1.79
C ILE D 45 -8.27 -6.17 2.11
N LYS D 46 -8.82 -6.44 3.29
CA LYS D 46 -9.97 -5.73 3.83
C LYS D 46 -9.46 -5.11 5.13
N LYS D 47 -9.31 -3.79 5.13
CA LYS D 47 -8.80 -3.09 6.31
C LYS D 47 -9.82 -2.08 6.80
N GLU D 48 -10.22 -2.24 8.06
CA GLU D 48 -11.20 -1.38 8.71
C GLU D 48 -10.76 -1.19 10.17
N SER D 49 -11.23 -0.14 10.82
CA SER D 49 -10.89 0.17 12.22
C SER D 49 -10.07 -0.92 12.92
N GLY D 50 -10.74 -1.76 13.70
CA GLY D 50 -10.05 -2.84 14.38
C GLY D 50 -10.32 -4.15 13.68
N TYR D 51 -10.09 -4.18 12.37
CA TYR D 51 -10.36 -5.39 11.60
C TYR D 51 -9.47 -5.58 10.38
N LEU D 52 -8.94 -6.80 10.25
CA LEU D 52 -8.09 -7.13 9.10
C LEU D 52 -8.40 -8.54 8.63
N LYS D 53 -8.66 -8.66 7.33
CA LYS D 53 -8.91 -9.95 6.71
C LYS D 53 -8.10 -9.95 5.41
N VAL D 54 -7.25 -10.98 5.27
CA VAL D 54 -6.37 -11.12 4.10
C VAL D 54 -6.78 -12.36 3.31
N LYS D 55 -7.16 -12.17 2.05
CA LYS D 55 -7.60 -13.29 1.21
C LYS D 55 -6.49 -13.73 0.28
N PHE D 56 -6.02 -14.96 0.42
CA PHE D 56 -4.92 -15.46 -0.39
C PHE D 56 -5.25 -15.80 -1.85
N GLU D 57 -4.30 -15.55 -2.72
CA GLU D 57 -4.48 -15.85 -4.14
C GLU D 57 -3.18 -16.37 -4.70
N GLU D 58 -3.23 -17.58 -5.24
CA GLU D 58 -2.06 -18.19 -5.87
C GLU D 58 -0.84 -18.28 -4.97
N LEU D 59 -1.01 -18.82 -3.77
CA LEU D 59 0.14 -18.93 -2.85
C LEU D 59 1.13 -19.99 -3.30
N GLU D 60 2.42 -19.63 -3.25
CA GLU D 60 3.51 -20.54 -3.62
C GLU D 60 4.29 -20.91 -2.36
N ASN D 61 5.37 -21.68 -2.53
CA ASN D 61 6.24 -22.11 -1.43
C ASN D 61 6.64 -20.93 -0.52
N CYS D 62 7.02 -19.81 -1.14
CA CYS D 62 7.43 -18.65 -0.36
C CYS D 62 6.38 -18.10 0.59
N GLU D 63 5.17 -17.89 0.08
CA GLU D 63 4.11 -17.33 0.92
C GLU D 63 3.60 -18.30 1.98
N VAL D 64 3.62 -19.59 1.70
CA VAL D 64 3.17 -20.55 2.69
C VAL D 64 4.13 -20.66 3.87
N LYS D 65 5.42 -20.41 3.63
CA LYS D 65 6.38 -20.46 4.73
C LYS D 65 6.30 -19.18 5.56
N VAL D 66 5.92 -18.09 4.92
CA VAL D 66 5.77 -16.80 5.57
C VAL D 66 4.56 -16.88 6.52
N LEU D 67 3.47 -17.42 6.00
CA LEU D 67 2.26 -17.57 6.79
C LEU D 67 2.54 -18.46 7.99
N ALA D 68 3.25 -19.56 7.75
CA ALA D 68 3.57 -20.47 8.84
C ALA D 68 4.44 -19.79 9.89
N ALA D 69 5.34 -18.92 9.47
CA ALA D 69 6.19 -18.23 10.42
C ALA D 69 5.37 -17.20 11.19
N MET D 70 4.33 -16.67 10.56
CA MET D 70 3.47 -15.69 11.19
C MET D 70 2.69 -16.39 12.30
N VAL D 71 2.23 -17.61 12.05
CA VAL D 71 1.48 -18.35 13.06
C VAL D 71 2.41 -18.68 14.25
N ARG D 72 3.63 -19.09 13.90
CA ARG D 72 4.65 -19.44 14.88
C ARG D 72 4.88 -18.25 15.82
N SER D 73 5.11 -17.10 15.21
CA SER D 73 5.36 -15.88 15.94
C SER D 73 4.20 -15.49 16.89
N LEU D 74 2.96 -15.62 16.41
CA LEU D 74 1.80 -15.24 17.20
C LEU D 74 1.47 -16.22 18.32
N LYS D 75 1.80 -17.49 18.13
CA LYS D 75 1.55 -18.48 19.15
C LYS D 75 2.50 -18.26 20.31
N GLU D 76 3.74 -17.84 20.04
CA GLU D 76 4.68 -17.56 21.10
C GLU D 76 4.06 -16.46 21.98
N LEU D 77 3.36 -15.51 21.34
CA LEU D 77 2.74 -14.41 22.08
C LEU D 77 1.52 -14.92 22.81
N GLU D 78 0.80 -15.84 22.17
CA GLU D 78 -0.39 -16.42 22.78
C GLU D 78 0.02 -17.13 24.06
N GLN D 79 1.20 -17.73 24.02
CA GLN D 79 1.73 -18.46 25.16
C GLN D 79 2.07 -17.46 26.27
N LYS D 80 2.55 -16.28 25.89
CA LYS D 80 2.93 -15.25 26.85
C LYS D 80 1.79 -14.32 27.29
N PHE D 81 0.70 -14.28 26.54
CA PHE D 81 -0.43 -13.40 26.88
C PHE D 81 -1.71 -14.15 26.56
N PRO D 82 -1.85 -15.37 27.09
CA PRO D 82 -3.04 -16.20 26.84
C PRO D 82 -4.40 -15.52 27.06
N SER D 83 -4.45 -14.48 27.88
CA SER D 83 -5.73 -13.81 28.12
C SER D 83 -5.95 -12.61 27.21
N GLN D 84 -4.93 -12.24 26.44
CA GLN D 84 -5.04 -11.09 25.55
C GLN D 84 -5.04 -11.41 24.06
N ILE D 85 -4.52 -12.57 23.68
CA ILE D 85 -4.52 -12.94 22.28
C ILE D 85 -4.82 -14.43 22.14
N ARG D 86 -5.57 -14.76 21.10
CA ARG D 86 -5.97 -16.14 20.83
C ARG D 86 -5.72 -16.42 19.35
N VAL D 87 -4.91 -17.44 19.11
CA VAL D 87 -4.54 -17.84 17.76
C VAL D 87 -5.20 -19.17 17.36
N GLU D 88 -6.18 -19.10 16.46
CA GLU D 88 -6.87 -20.31 16.02
C GLU D 88 -6.56 -20.61 14.57
N VAL D 89 -5.83 -21.72 14.35
CA VAL D 89 -5.45 -22.15 13.00
C VAL D 89 -6.42 -23.28 12.58
N ILE D 90 -7.27 -23.00 11.61
CA ILE D 90 -8.27 -23.96 11.13
C ILE D 90 -7.86 -24.74 9.89
N ASP D 91 -8.29 -26.00 9.83
CA ASP D 91 -8.00 -26.88 8.71
C ASP D 91 -9.26 -27.17 7.91
C ACT E . 7.34 -11.72 6.36
O ACT E . 6.41 -12.57 6.66
OXT ACT E . 8.13 -11.17 7.19
CH3 ACT E . 7.57 -11.29 4.95
C ACT F . 12.19 -7.25 -3.03
O ACT F . 11.20 -7.90 -3.61
OXT ACT F . 12.12 -6.09 -2.49
CH3 ACT F . 13.57 -7.82 -2.98
C ACT G . -7.18 7.59 -16.02
O ACT G . -6.32 8.08 -15.18
OXT ACT G . -7.96 6.60 -15.81
CH3 ACT G . -7.34 8.16 -17.40
C ACT H . -2.36 12.52 -25.46
O ACT H . -3.34 11.72 -25.81
OXT ACT H . -2.48 13.63 -24.83
CH3 ACT H . -0.94 12.19 -25.79
#